data_5T85
#
_entry.id   5T85
#
_cell.length_a   55.006
_cell.length_b   67.287
_cell.length_c   194.678
_cell.angle_alpha   90.00
_cell.angle_beta   90.00
_cell.angle_gamma   90.00
#
_symmetry.space_group_name_H-M   'P 21 21 21'
#
loop_
_entity.id
_entity.type
_entity.pdbx_description
1 polymer 'Antibody 10E8 FAB HEAVY CHAIN'
2 polymer 'Antibody 10E8 FAB LIGHT CHAIN'
3 polymer '10E8 EPITOPE SCAFFOLD T117V2'
4 non-polymer '(2S)-3-{[(R)-{[(2R)-2,3-dihydroxypropyl]oxy}(hydroxy)phosphoryl]oxy}-2-(hexanoyloxy)propyl hexanoate'
5 non-polymer 'TRIETHYLENE GLYCOL'
6 water water
#
loop_
_entity_poly.entity_id
_entity_poly.type
_entity_poly.pdbx_seq_one_letter_code
_entity_poly.pdbx_strand_id
1 'polypeptide(L)'
;EVQLVESGGGLVKPGGSLRLSCSASGFDFDNAWMTWVRQPPGKGLEWVGRITGPGEGWSVDYAAPVEGRFTISRLNSINF
LYLEMNNLRMEDSGLYFCARTGKYYDFWSGYPPGEEYFQDWGRGTLVTVSSASTKGPSVFPLAPSSKSTSGGTAALGCLV
KDYFPEPVTVSWNSGALTSGVHTFPAVLQSSGLYSLSSVVTVPSSSLGTQTYICNVNHKPSNTKVDKRVEPKSCDK
;
H
2 'polypeptide(L)'
;SYELTQETGVSVALGRTVTITCRGDSLRSHYASWYQKKPGQAPILLFYGKNNRPSGVPDRFSGSASGNRASLTISGAQAE
DDAEYYCSSRDKSGSRLSVFGGGTKLTVLSQPKAAPSVTLFPPSSEELQANKATLVCLISDFYPGAVTVAWKADSSPVKA
GVETTTPSKQSNNKYAASSYLSLTPEQWKSHRSYSCQVTHEGSTVEKTVAPTECS
;
L
3 'polypeptide(L)'
;NAMQGIHFRRHYVRHLPKEVSQNDIIKALASPLINDGMVVSDFADHVITREQNFPTGLPVEPVGVAIPHTDSKYVRQNAI
SVGILAEPVNFEDAGGEPDPVPVRVVFMLALGNWFDITNVLWWIKAVIQDEDFMQQLLVMNDDEIYQSIYTRISELEHHH
HHH
;
G
#
loop_
_chem_comp.id
_chem_comp.type
_chem_comp.name
_chem_comp.formula
44G non-polymer '(2S)-3-{[(R)-{[(2R)-2,3-dihydroxypropyl]oxy}(hydroxy)phosphoryl]oxy}-2-(hexanoyloxy)propyl hexanoate' 'C18 H35 O10 P'
PGE non-polymer 'TRIETHYLENE GLYCOL' 'C6 H14 O4'
#
# COMPACT_ATOMS: atom_id res chain seq x y z
N GLU A 1 8.19 -4.47 14.34
CA GLU A 1 7.64 -3.13 14.16
C GLU A 1 8.48 -2.27 13.20
N VAL A 2 8.41 -2.60 11.91
CA VAL A 2 8.96 -1.78 10.84
C VAL A 2 8.29 -0.41 10.84
N GLN A 3 9.05 0.66 10.60
CA GLN A 3 8.47 2.00 10.64
C GLN A 3 8.81 2.77 9.38
N LEU A 4 7.78 3.27 8.72
CA LEU A 4 7.93 4.09 7.53
C LEU A 4 7.16 5.39 7.75
N VAL A 5 7.85 6.52 7.59
CA VAL A 5 7.25 7.81 7.89
C VAL A 5 7.54 8.80 6.77
N GLU A 6 6.49 9.12 6.02
CA GLU A 6 6.56 10.06 4.91
C GLU A 6 6.32 11.50 5.34
N SER A 7 7.05 12.43 4.75
CA SER A 7 6.84 13.85 5.03
C SER A 7 7.13 14.72 3.81
N GLY A 8 6.65 15.96 3.84
CA GLY A 8 7.00 16.90 2.80
C GLY A 8 5.83 17.33 1.94
N GLY A 9 4.73 16.59 2.04
CA GLY A 9 3.56 16.91 1.25
C GLY A 9 3.03 18.30 1.57
N GLY A 10 2.34 18.92 0.62
CA GLY A 10 1.76 20.22 0.83
C GLY A 10 1.10 20.79 -0.41
N LEU A 11 0.67 22.03 -0.31
CA LEU A 11 0.07 22.75 -1.43
C LEU A 11 1.15 23.26 -2.40
N VAL A 12 1.03 22.89 -3.68
CA VAL A 12 1.91 23.37 -4.75
C VAL A 12 1.09 23.86 -5.94
N LYS A 13 1.60 24.86 -6.65
CA LYS A 13 0.96 25.31 -7.88
C LYS A 13 1.36 24.41 -9.03
N PRO A 14 0.47 24.23 -10.01
CA PRO A 14 0.85 23.45 -11.19
C PRO A 14 2.09 24.05 -11.84
N GLY A 15 3.03 23.19 -12.24
CA GLY A 15 4.30 23.66 -12.79
C GLY A 15 5.38 23.64 -11.73
N GLY A 16 4.96 23.62 -10.46
CA GLY A 16 5.88 23.66 -9.32
C GLY A 16 6.60 22.36 -9.02
N SER A 17 7.52 22.43 -8.07
CA SER A 17 8.29 21.27 -7.64
C SER A 17 8.09 21.04 -6.14
N LEU A 18 8.38 19.82 -5.70
CA LEU A 18 8.15 19.44 -4.32
C LEU A 18 9.01 18.22 -4.00
N ARG A 19 9.53 18.12 -2.78
CA ARG A 19 10.40 17.01 -2.43
C ARG A 19 9.90 16.22 -1.22
N LEU A 20 9.51 14.97 -1.48
CA LEU A 20 9.02 14.09 -0.43
C LEU A 20 10.14 13.33 0.26
N SER A 21 9.90 13.03 1.53
CA SER A 21 10.86 12.28 2.32
C SER A 21 10.21 11.04 2.92
N CYS A 22 11.01 10.00 3.08
CA CYS A 22 10.57 8.75 3.68
C CYS A 22 11.58 8.28 4.71
N SER A 23 11.24 8.41 5.98
CA SER A 23 12.08 7.91 7.04
C SER A 23 11.81 6.42 7.21
N ALA A 24 12.86 5.62 7.39
CA ALA A 24 12.69 4.19 7.50
C ALA A 24 13.49 3.59 8.65
N SER A 25 12.84 2.73 9.43
CA SER A 25 13.51 2.04 10.53
C SER A 25 12.93 0.64 10.72
N GLY A 26 13.69 -0.23 11.41
CA GLY A 26 13.24 -1.56 11.73
C GLY A 26 13.59 -2.67 10.74
N PHE A 27 14.40 -2.36 9.73
CA PHE A 27 14.85 -3.39 8.78
C PHE A 27 16.12 -2.98 8.07
N ASP A 28 16.58 -3.85 7.17
CA ASP A 28 17.79 -3.62 6.41
C ASP A 28 17.56 -2.69 5.22
N PHE A 29 17.50 -1.39 5.49
CA PHE A 29 17.20 -0.40 4.48
C PHE A 29 18.18 -0.41 3.31
N ASP A 30 19.47 -0.53 3.62
CA ASP A 30 20.52 -0.43 2.62
C ASP A 30 20.34 -1.44 1.49
N ASN A 31 19.65 -2.55 1.76
CA ASN A 31 19.42 -3.61 0.77
C ASN A 31 17.96 -3.70 0.31
N ALA A 32 17.10 -2.91 0.93
CA ALA A 32 15.69 -2.94 0.59
C ALA A 32 15.41 -2.19 -0.71
N TRP A 33 14.61 -2.81 -1.57
CA TRP A 33 14.04 -2.12 -2.71
C TRP A 33 12.98 -1.21 -2.13
N MET A 34 12.86 0.01 -2.64
CA MET A 34 11.83 0.90 -2.08
C MET A 34 10.93 1.48 -3.14
N THR A 35 9.64 1.48 -2.87
CA THR A 35 8.64 1.91 -3.84
C THR A 35 7.85 3.11 -3.30
N TRP A 36 7.51 4.02 -4.21
CA TRP A 36 6.60 5.11 -3.93
C TRP A 36 5.28 4.77 -4.59
N VAL A 37 4.19 4.98 -3.85
CA VAL A 37 2.85 4.72 -4.34
C VAL A 37 1.98 5.92 -4.00
N ARG A 38 0.95 6.19 -4.80
CA ARG A 38 0.07 7.29 -4.45
C ARG A 38 -1.43 6.98 -4.64
N GLN A 39 -2.25 7.68 -3.87
CA GLN A 39 -3.69 7.56 -4.02
C GLN A 39 -4.27 8.94 -4.22
N PRO A 40 -4.61 9.26 -5.47
CA PRO A 40 -5.35 10.48 -5.79
C PRO A 40 -6.65 10.54 -5.02
N PRO A 41 -7.21 11.74 -4.83
CA PRO A 41 -8.39 11.88 -3.97
C PRO A 41 -9.58 11.08 -4.49
N GLY A 42 -10.02 10.10 -3.72
CA GLY A 42 -11.20 9.33 -4.08
C GLY A 42 -10.95 8.21 -5.07
N LYS A 43 -9.72 8.10 -5.57
CA LYS A 43 -9.34 7.04 -6.53
C LYS A 43 -8.53 5.95 -5.83
N GLY A 44 -7.92 5.05 -6.61
CA GLY A 44 -7.19 3.94 -6.04
C GLY A 44 -5.68 4.09 -5.99
N LEU A 45 -4.99 3.05 -5.56
CA LEU A 45 -3.55 3.07 -5.50
C LEU A 45 -2.94 3.12 -6.91
N GLU A 46 -1.89 3.92 -7.03
CA GLU A 46 -1.20 4.07 -8.30
C GLU A 46 0.29 3.96 -8.07
N TRP A 47 0.91 3.00 -8.77
CA TRP A 47 2.34 2.79 -8.65
C TRP A 47 3.09 3.98 -9.26
N VAL A 48 3.97 4.60 -8.50
CA VAL A 48 4.70 5.75 -8.99
C VAL A 48 6.06 5.39 -9.58
N GLY A 49 6.87 4.67 -8.81
CA GLY A 49 8.19 4.23 -9.25
C GLY A 49 8.91 3.48 -8.15
N ARG A 50 10.09 2.93 -8.47
CA ARG A 50 10.81 2.08 -7.52
C ARG A 50 12.33 2.12 -7.75
N ILE A 51 13.08 2.19 -6.65
CA ILE A 51 14.53 2.12 -6.68
C ILE A 51 15.03 0.77 -6.14
N THR A 52 15.99 0.18 -6.82
CA THR A 52 16.46 -1.14 -6.41
C THR A 52 17.58 -1.06 -5.39
N GLY A 53 18.41 -2.10 -5.35
CA GLY A 53 19.45 -2.21 -4.36
C GLY A 53 20.81 -2.16 -5.00
N PRO A 54 21.86 -2.44 -4.20
CA PRO A 54 23.26 -2.38 -4.63
C PRO A 54 23.59 -3.39 -5.72
N GLY A 55 23.00 -4.58 -5.64
CA GLY A 55 23.23 -5.61 -6.64
C GLY A 55 22.73 -5.18 -8.00
N GLU A 56 21.82 -4.21 -8.02
CA GLU A 56 21.27 -3.66 -9.24
C GLU A 56 21.78 -2.24 -9.53
N GLY A 57 22.87 -1.85 -8.86
CA GLY A 57 23.44 -0.52 -9.05
C GLY A 57 22.44 0.59 -8.77
N TRP A 58 21.48 0.30 -7.90
CA TRP A 58 20.46 1.26 -7.50
C TRP A 58 19.65 1.81 -8.69
N SER A 59 19.40 0.98 -9.69
CA SER A 59 18.58 1.40 -10.82
C SER A 59 17.19 1.84 -10.35
N VAL A 60 16.54 2.69 -11.13
CA VAL A 60 15.18 3.13 -10.83
C VAL A 60 14.25 2.97 -12.06
N ASP A 61 12.99 2.65 -11.79
CA ASP A 61 11.96 2.64 -12.81
C ASP A 61 10.77 3.52 -12.43
N TYR A 62 10.16 4.14 -13.43
CA TYR A 62 9.09 5.11 -13.23
C TYR A 62 7.81 4.79 -14.01
N ALA A 63 6.68 5.13 -13.44
CA ALA A 63 5.41 5.04 -14.15
C ALA A 63 5.43 6.00 -15.31
N ALA A 64 4.80 5.61 -16.41
CA ALA A 64 4.80 6.39 -17.64
C ALA A 64 4.46 7.89 -17.48
N PRO A 65 3.37 8.24 -16.77
CA PRO A 65 3.06 9.68 -16.69
C PRO A 65 4.03 10.54 -15.86
N VAL A 66 5.07 9.92 -15.34
CA VAL A 66 5.87 10.54 -14.29
C VAL A 66 7.37 10.58 -14.65
N GLU A 67 7.76 9.83 -15.69
CA GLU A 67 9.16 9.75 -16.11
C GLU A 67 9.67 11.10 -16.59
N GLY A 68 10.93 11.38 -16.31
CA GLY A 68 11.51 12.67 -16.61
C GLY A 68 11.26 13.74 -15.55
N ARG A 69 10.05 13.73 -14.98
CA ARG A 69 9.65 14.77 -14.03
C ARG A 69 9.98 14.39 -12.58
N PHE A 70 9.87 13.11 -12.28
CA PHE A 70 10.06 12.66 -10.90
C PHE A 70 11.43 12.01 -10.75
N THR A 71 11.99 12.08 -9.55
CA THR A 71 13.26 11.43 -9.29
C THR A 71 13.24 10.76 -7.93
N ILE A 72 13.65 9.50 -7.95
CA ILE A 72 13.71 8.71 -6.73
C ILE A 72 15.15 8.46 -6.36
N SER A 73 15.52 8.87 -5.16
CA SER A 73 16.88 8.69 -4.69
C SER A 73 16.85 8.20 -3.25
N ARG A 74 18.02 7.96 -2.67
CA ARG A 74 18.10 7.46 -1.31
C ARG A 74 19.45 7.80 -0.73
N LEU A 75 19.50 8.06 0.57
CA LEU A 75 20.76 8.17 1.29
C LEU A 75 20.77 7.12 2.39
N ASN A 76 21.52 6.04 2.17
CA ASN A 76 21.47 4.89 3.06
C ASN A 76 22.08 5.13 4.43
N SER A 77 22.90 6.16 4.54
CA SER A 77 23.57 6.48 5.80
C SER A 77 22.58 7.00 6.83
N ILE A 78 21.43 7.47 6.39
CA ILE A 78 20.43 7.98 7.31
C ILE A 78 19.06 7.32 7.09
N ASN A 79 19.06 6.19 6.39
CA ASN A 79 17.85 5.43 6.12
C ASN A 79 16.72 6.31 5.61
N PHE A 80 17.02 7.21 4.68
CA PHE A 80 16.00 8.05 4.07
C PHE A 80 15.78 7.74 2.59
N LEU A 81 14.52 7.70 2.20
CA LEU A 81 14.14 7.61 0.79
C LEU A 81 13.53 8.94 0.36
N TYR A 82 13.78 9.35 -0.88
CA TYR A 82 13.24 10.62 -1.36
C TYR A 82 12.53 10.49 -2.70
N LEU A 83 11.58 11.39 -2.91
CA LEU A 83 10.91 11.52 -4.19
C LEU A 83 10.89 12.98 -4.61
N GLU A 84 11.58 13.29 -5.70
CA GLU A 84 11.64 14.66 -6.18
C GLU A 84 10.64 14.86 -7.31
N MET A 85 9.72 15.79 -7.15
CA MET A 85 8.66 15.97 -8.14
C MET A 85 8.73 17.34 -8.79
N ASN A 86 8.84 17.38 -10.11
CA ASN A 86 8.90 18.67 -10.82
C ASN A 86 7.78 18.78 -11.85
N ASN A 87 7.52 20.00 -12.31
CA ASN A 87 6.44 20.30 -13.24
C ASN A 87 5.12 19.59 -12.88
N LEU A 88 4.67 19.80 -11.65
CA LEU A 88 3.53 19.10 -11.10
C LEU A 88 2.21 19.43 -11.81
N ARG A 89 1.33 18.43 -11.87
CA ARG A 89 0.02 18.56 -12.50
C ARG A 89 -1.06 18.30 -11.46
N MET A 90 -2.25 18.86 -11.70
CA MET A 90 -3.45 18.53 -10.94
C MET A 90 -3.51 17.07 -10.52
N GLU A 91 -3.38 16.17 -11.50
CA GLU A 91 -3.54 14.75 -11.22
C GLU A 91 -2.31 14.13 -10.52
N ASP A 92 -1.36 14.96 -10.12
CA ASP A 92 -0.30 14.47 -9.27
C ASP A 92 -0.76 14.57 -7.81
N SER A 93 -1.89 15.23 -7.59
CA SER A 93 -2.41 15.38 -6.24
C SER A 93 -2.71 14.02 -5.63
N GLY A 94 -2.35 13.85 -4.36
CA GLY A 94 -2.73 12.63 -3.67
C GLY A 94 -1.94 12.35 -2.42
N LEU A 95 -2.30 11.25 -1.78
CA LEU A 95 -1.59 10.76 -0.63
C LEU A 95 -0.44 9.92 -1.14
N TYR A 96 0.78 10.26 -0.75
CA TYR A 96 1.92 9.54 -1.27
C TYR A 96 2.49 8.59 -0.24
N PHE A 97 2.61 7.33 -0.64
CA PHE A 97 3.07 6.29 0.26
C PHE A 97 4.46 5.81 -0.13
N CYS A 98 5.28 5.46 0.87
N CYS A 98 5.24 5.42 0.87
CA CYS A 98 6.51 4.73 0.60
CA CYS A 98 6.51 4.75 0.68
C CYS A 98 6.33 3.29 1.10
C CYS A 98 6.42 3.30 1.20
N ALA A 99 6.98 2.34 0.44
CA ALA A 99 6.77 0.91 0.76
C ALA A 99 7.98 0.01 0.59
N ARG A 100 8.38 -0.67 1.65
CA ARG A 100 9.43 -1.68 1.53
C ARG A 100 8.99 -2.77 0.57
N THR A 101 9.85 -3.11 -0.39
CA THR A 101 9.42 -3.89 -1.54
C THR A 101 10.14 -5.22 -1.66
N GLY A 102 9.37 -6.31 -1.70
CA GLY A 102 9.98 -7.62 -1.85
C GLY A 102 9.93 -8.08 -3.31
N LYS A 103 10.71 -9.11 -3.61
CA LYS A 103 10.82 -9.65 -4.96
C LYS A 103 10.49 -11.15 -4.99
N TYR A 104 9.71 -11.55 -5.99
CA TYR A 104 9.27 -12.94 -6.07
C TYR A 104 9.47 -13.51 -7.46
N TYR A 105 10.00 -14.72 -7.53
CA TYR A 105 10.08 -15.43 -8.78
C TYR A 105 9.93 -16.93 -8.52
N ASP A 106 8.92 -17.55 -9.13
CA ASP A 106 8.76 -19.00 -8.97
C ASP A 106 9.49 -19.75 -10.07
N PHE A 107 10.36 -20.69 -9.69
CA PHE A 107 11.25 -21.30 -10.67
C PHE A 107 10.54 -21.97 -11.84
N TRP A 108 9.58 -22.84 -11.52
CA TRP A 108 8.99 -23.67 -12.55
C TRP A 108 7.95 -22.93 -13.40
N SER A 109 7.33 -21.89 -12.83
CA SER A 109 6.22 -21.25 -13.52
C SER A 109 6.44 -19.79 -13.84
N GLY A 110 7.55 -19.24 -13.36
CA GLY A 110 7.77 -17.81 -13.42
C GLY A 110 8.26 -17.30 -14.75
N TYR A 111 8.27 -15.97 -14.88
CA TYR A 111 8.72 -15.30 -16.08
C TYR A 111 9.44 -14.00 -15.69
N PRO A 112 10.63 -13.76 -16.28
CA PRO A 112 11.43 -12.57 -15.94
C PRO A 112 10.63 -11.28 -16.14
N PRO A 113 10.76 -10.30 -15.22
CA PRO A 113 11.61 -10.32 -14.01
C PRO A 113 10.83 -10.64 -12.74
N GLY A 114 9.98 -11.68 -12.79
CA GLY A 114 9.19 -12.04 -11.64
C GLY A 114 8.26 -10.92 -11.27
N GLU A 115 8.01 -10.78 -9.98
CA GLU A 115 7.07 -9.78 -9.50
C GLU A 115 7.59 -9.08 -8.23
N GLU A 116 7.12 -7.86 -8.04
CA GLU A 116 7.47 -7.10 -6.85
C GLU A 116 6.20 -6.95 -6.01
N TYR A 117 6.34 -7.07 -4.68
CA TYR A 117 5.21 -6.91 -3.77
C TYR A 117 5.59 -5.99 -2.62
N PHE A 118 4.59 -5.46 -1.92
CA PHE A 118 4.81 -4.38 -0.96
C PHE A 118 4.44 -4.77 0.47
N GLN A 119 5.44 -5.22 1.21
CA GLN A 119 5.20 -5.83 2.52
C GLN A 119 5.02 -4.85 3.66
N ASP A 120 5.56 -3.65 3.53
CA ASP A 120 5.38 -2.66 4.59
C ASP A 120 5.13 -1.28 4.01
N TRP A 121 4.31 -0.51 4.69
CA TRP A 121 3.82 0.76 4.16
C TRP A 121 3.82 1.80 5.24
N GLY A 122 4.12 3.05 4.87
CA GLY A 122 3.95 4.15 5.80
C GLY A 122 2.52 4.66 5.75
N ARG A 123 2.26 5.74 6.47
CA ARG A 123 0.90 6.24 6.59
C ARG A 123 0.58 7.27 5.50
N GLY A 124 1.63 7.80 4.86
CA GLY A 124 1.45 8.70 3.74
C GLY A 124 1.71 10.17 4.05
N THR A 125 1.92 10.95 3.00
CA THR A 125 2.00 12.39 3.12
C THR A 125 1.19 13.01 1.99
N LEU A 126 0.40 14.03 2.30
CA LEU A 126 -0.60 14.53 1.37
C LEU A 126 -0.04 15.60 0.45
N VAL A 127 -0.17 15.39 -0.86
CA VAL A 127 0.22 16.39 -1.85
C VAL A 127 -1.01 17.00 -2.51
N THR A 128 -1.11 18.33 -2.51
CA THR A 128 -2.19 19.00 -3.22
C THR A 128 -1.59 19.93 -4.28
N VAL A 129 -1.81 19.61 -5.54
CA VAL A 129 -1.39 20.48 -6.63
C VAL A 129 -2.61 21.25 -7.09
N SER A 130 -2.52 22.59 -7.06
CA SER A 130 -3.69 23.43 -7.31
C SER A 130 -3.34 24.89 -7.52
N SER A 131 -4.22 25.61 -8.22
CA SER A 131 -4.04 27.04 -8.40
C SER A 131 -4.40 27.81 -7.16
N ALA A 132 -5.39 27.32 -6.41
CA ALA A 132 -5.94 28.04 -5.27
C ALA A 132 -4.91 28.32 -4.19
N SER A 133 -5.05 29.47 -3.53
CA SER A 133 -4.15 29.85 -2.43
C SER A 133 -4.62 29.19 -1.15
N THR A 134 -3.69 28.91 -0.24
CA THR A 134 -4.06 28.37 1.06
C THR A 134 -4.97 29.31 1.84
N LYS A 135 -5.86 28.72 2.64
CA LYS A 135 -6.73 29.51 3.50
C LYS A 135 -6.86 28.86 4.88
N GLY A 136 -6.61 29.65 5.93
CA GLY A 136 -6.67 29.12 7.28
C GLY A 136 -8.09 29.02 7.77
N PRO A 137 -8.34 28.14 8.75
CA PRO A 137 -9.72 27.96 9.20
C PRO A 137 -10.20 29.07 10.14
N SER A 138 -11.51 29.26 10.26
CA SER A 138 -12.09 29.99 11.39
C SER A 138 -12.61 28.95 12.40
N VAL A 139 -12.28 29.11 13.66
CA VAL A 139 -12.67 28.13 14.65
C VAL A 139 -13.76 28.69 15.53
N PHE A 140 -14.86 27.95 15.62
CA PHE A 140 -15.98 28.39 16.44
C PHE A 140 -16.33 27.36 17.50
N PRO A 141 -16.72 27.84 18.69
CA PRO A 141 -17.09 26.95 19.78
C PRO A 141 -18.47 26.37 19.55
N LEU A 142 -18.65 25.06 19.72
CA LEU A 142 -19.98 24.48 19.74
C LEU A 142 -20.41 24.24 21.18
N ALA A 143 -21.28 25.11 21.69
CA ALA A 143 -21.68 25.13 23.10
C ALA A 143 -22.34 23.84 23.54
N PRO A 144 -22.06 23.43 24.80
CA PRO A 144 -22.53 22.16 25.39
C PRO A 144 -24.04 21.91 25.31
N SER A 145 -24.42 20.75 24.78
CA SER A 145 -25.83 20.31 24.79
C SER A 145 -26.00 18.87 25.27
N SER A 146 -27.04 18.63 26.07
CA SER A 146 -27.33 17.30 26.60
C SER A 146 -28.45 16.61 25.85
N LYS A 147 -28.94 17.23 24.79
CA LYS A 147 -30.11 16.75 24.09
C LYS A 147 -29.95 15.34 23.54
N SER A 148 -28.85 15.09 22.84
CA SER A 148 -28.66 13.79 22.20
C SER A 148 -27.72 12.83 22.94
N THR A 149 -27.14 13.26 24.06
CA THR A 149 -26.21 12.40 24.80
C THR A 149 -26.97 11.63 25.88
N SER A 150 -26.27 10.81 26.68
CA SER A 150 -26.96 10.07 27.73
C SER A 150 -27.07 10.93 28.98
N GLY A 151 -27.60 10.34 30.05
CA GLY A 151 -27.95 11.03 31.28
C GLY A 151 -27.19 12.26 31.71
N GLY A 152 -26.14 12.05 32.50
CA GLY A 152 -25.44 13.16 33.11
C GLY A 152 -24.27 13.64 32.29
N THR A 153 -24.41 13.58 30.96
CA THR A 153 -23.32 13.95 30.07
C THR A 153 -23.77 14.99 29.03
N ALA A 154 -22.81 15.71 28.47
CA ALA A 154 -23.07 16.71 27.45
C ALA A 154 -22.05 16.62 26.32
N ALA A 155 -22.47 17.01 25.12
CA ALA A 155 -21.55 17.17 23.99
C ALA A 155 -21.25 18.65 23.78
N LEU A 156 -19.97 18.96 23.58
CA LEU A 156 -19.55 20.29 23.15
C LEU A 156 -18.46 20.09 22.12
N GLY A 157 -18.14 21.13 21.36
CA GLY A 157 -17.14 20.99 20.31
C GLY A 157 -16.56 22.24 19.67
N CYS A 158 -15.80 22.04 18.60
CA CYS A 158 -15.32 23.13 17.78
C CYS A 158 -15.68 22.94 16.30
N LEU A 159 -16.09 24.04 15.68
CA LEU A 159 -16.35 24.09 14.24
C LEU A 159 -15.15 24.72 13.56
N VAL A 160 -14.56 23.95 12.66
CA VAL A 160 -13.39 24.37 11.92
C VAL A 160 -13.85 24.69 10.50
N LYS A 161 -14.17 25.96 10.27
CA LYS A 161 -14.86 26.36 9.06
C LYS A 161 -13.91 26.84 7.94
N ASP A 162 -14.13 26.37 6.72
CA ASP A 162 -13.52 26.97 5.52
C ASP A 162 -11.99 27.12 5.52
N TYR A 163 -11.31 25.98 5.42
CA TYR A 163 -9.85 25.94 5.28
C TYR A 163 -9.47 25.26 3.96
N PHE A 164 -8.26 25.48 3.50
CA PHE A 164 -7.76 24.83 2.29
C PHE A 164 -6.23 24.83 2.31
N PRO A 165 -5.60 23.71 1.91
CA PRO A 165 -6.20 22.40 1.63
C PRO A 165 -6.35 21.62 2.90
N GLU A 166 -6.77 20.35 2.82
CA GLU A 166 -6.58 19.39 3.91
C GLU A 166 -5.07 19.28 4.13
N PRO A 167 -4.63 18.83 5.32
CA PRO A 167 -5.41 18.36 6.47
C PRO A 167 -5.40 19.32 7.63
N VAL A 168 -6.34 19.11 8.54
CA VAL A 168 -6.40 19.79 9.82
C VAL A 168 -6.32 18.73 10.90
N THR A 169 -5.66 19.04 12.02
CA THR A 169 -5.72 18.16 13.21
C THR A 169 -6.31 18.91 14.39
N VAL A 170 -7.11 18.19 15.18
CA VAL A 170 -7.75 18.74 16.37
C VAL A 170 -7.41 17.94 17.62
N SER A 171 -6.99 18.60 18.68
CA SER A 171 -6.90 17.90 19.97
C SER A 171 -7.71 18.68 21.00
N TRP A 172 -7.77 18.17 22.22
CA TRP A 172 -8.53 18.81 23.29
C TRP A 172 -7.70 18.86 24.55
N ASN A 173 -7.68 20.04 25.17
CA ASN A 173 -6.90 20.27 26.37
C ASN A 173 -5.48 19.78 26.13
N SER A 174 -4.96 20.13 24.96
CA SER A 174 -3.58 19.88 24.61
C SER A 174 -3.25 18.38 24.74
N GLY A 175 -4.20 17.53 24.40
CA GLY A 175 -3.96 16.10 24.41
C GLY A 175 -4.33 15.38 25.70
N ALA A 176 -4.62 16.11 26.77
CA ALA A 176 -4.94 15.50 28.07
C ALA A 176 -6.33 14.85 28.08
N LEU A 177 -7.20 15.30 27.16
CA LEU A 177 -8.56 14.77 27.05
C LEU A 177 -8.71 14.03 25.73
N THR A 178 -8.76 12.70 25.81
CA THR A 178 -8.75 11.84 24.63
C THR A 178 -9.96 10.92 24.50
N SER A 179 -10.62 10.61 25.62
CA SER A 179 -11.79 9.75 25.52
C SER A 179 -13.07 10.59 25.38
N GLY A 180 -14.03 10.07 24.63
CA GLY A 180 -15.26 10.79 24.36
C GLY A 180 -15.22 11.76 23.18
N VAL A 181 -14.06 11.90 22.54
CA VAL A 181 -13.96 12.85 21.43
C VAL A 181 -14.09 12.17 20.07
N HIS A 182 -14.94 12.74 19.22
CA HIS A 182 -15.14 12.27 17.86
C HIS A 182 -14.87 13.41 16.88
N THR A 183 -13.82 13.30 16.08
CA THR A 183 -13.57 14.31 15.05
C THR A 183 -14.07 13.81 13.70
N PHE A 184 -15.06 14.51 13.14
CA PHE A 184 -15.72 14.06 11.93
C PHE A 184 -14.92 14.40 10.66
N PRO A 185 -14.89 13.48 9.69
CA PRO A 185 -14.26 13.74 8.39
C PRO A 185 -14.77 15.04 7.80
N ALA A 186 -13.89 15.80 7.16
CA ALA A 186 -14.28 17.09 6.60
C ALA A 186 -15.34 16.91 5.52
N VAL A 187 -16.16 17.96 5.31
CA VAL A 187 -16.96 18.11 4.10
C VAL A 187 -16.22 18.98 3.07
N LEU A 188 -16.27 18.61 1.79
CA LEU A 188 -15.78 19.47 0.72
C LEU A 188 -16.93 20.29 0.16
N GLN A 189 -17.02 21.55 0.57
CA GLN A 189 -18.12 22.41 0.17
C GLN A 189 -18.03 22.83 -1.29
N SER A 190 -19.14 23.33 -1.81
CA SER A 190 -19.20 23.83 -3.19
C SER A 190 -18.56 25.21 -3.24
N SER A 191 -17.28 25.25 -2.92
CA SER A 191 -16.52 26.47 -2.81
C SER A 191 -15.06 26.07 -2.87
N GLY A 192 -14.83 24.77 -2.78
CA GLY A 192 -13.49 24.22 -2.76
C GLY A 192 -12.87 24.23 -1.37
N LEU A 193 -13.56 24.81 -0.40
CA LEU A 193 -13.11 24.85 1.00
C LEU A 193 -13.67 23.68 1.84
N TYR A 194 -12.88 23.24 2.83
CA TYR A 194 -13.31 22.16 3.72
C TYR A 194 -13.85 22.74 5.01
N SER A 195 -14.63 21.92 5.72
CA SER A 195 -15.01 22.23 7.08
C SER A 195 -15.22 20.93 7.83
N LEU A 196 -14.66 20.84 9.03
CA LEU A 196 -14.94 19.67 9.84
C LEU A 196 -15.44 20.12 11.20
N SER A 197 -15.83 19.17 12.04
CA SER A 197 -16.19 19.48 13.41
C SER A 197 -15.56 18.45 14.29
N SER A 198 -15.30 18.84 15.52
CA SER A 198 -14.80 17.93 16.53
C SER A 198 -15.66 18.08 17.78
N VAL A 199 -16.12 16.98 18.35
CA VAL A 199 -16.93 17.05 19.57
C VAL A 199 -16.39 16.11 20.62
N VAL A 200 -16.55 16.49 21.87
CA VAL A 200 -16.21 15.59 22.96
C VAL A 200 -17.44 15.47 23.88
N THR A 201 -17.63 14.29 24.44
CA THR A 201 -18.71 14.07 25.39
C THR A 201 -18.13 14.11 26.80
N VAL A 202 -18.66 14.99 27.65
CA VAL A 202 -18.08 15.19 28.99
C VAL A 202 -19.16 15.12 30.06
N PRO A 203 -18.77 14.79 31.30
CA PRO A 203 -19.78 14.80 32.36
C PRO A 203 -20.39 16.19 32.53
N SER A 204 -21.71 16.26 32.59
CA SER A 204 -22.40 17.53 32.75
C SER A 204 -22.03 18.25 34.05
N SER A 205 -21.61 17.49 35.05
CA SER A 205 -21.26 18.07 36.35
C SER A 205 -19.95 18.86 36.34
N SER A 206 -19.16 18.68 35.28
CA SER A 206 -17.84 19.29 35.22
C SER A 206 -17.87 20.66 34.56
N LEU A 207 -18.96 20.99 33.87
CA LEU A 207 -19.02 22.17 32.99
C LEU A 207 -18.64 23.48 33.69
N GLY A 208 -18.91 23.58 34.98
CA GLY A 208 -18.58 24.78 35.73
C GLY A 208 -17.16 24.85 36.27
N THR A 209 -16.50 23.69 36.36
CA THR A 209 -15.15 23.62 36.89
C THR A 209 -14.09 23.42 35.80
N GLN A 210 -14.26 22.37 35.01
CA GLN A 210 -13.25 22.01 34.02
C GLN A 210 -13.35 22.84 32.74
N THR A 211 -12.29 23.59 32.44
CA THR A 211 -12.24 24.32 31.18
C THR A 211 -11.99 23.37 30.02
N TYR A 212 -12.60 23.65 28.89
CA TYR A 212 -12.37 22.85 27.69
C TYR A 212 -11.87 23.69 26.50
N ILE A 213 -10.75 23.26 25.93
CA ILE A 213 -10.13 23.98 24.83
C ILE A 213 -9.82 23.02 23.69
N CYS A 214 -10.23 23.37 22.48
CA CYS A 214 -9.82 22.56 21.34
C CYS A 214 -8.58 23.18 20.70
N ASN A 215 -7.61 22.34 20.36
CA ASN A 215 -6.41 22.82 19.67
C ASN A 215 -6.45 22.45 18.20
N VAL A 216 -6.72 23.43 17.36
CA VAL A 216 -6.81 23.22 15.92
C VAL A 216 -5.50 23.62 15.25
N ASN A 217 -4.90 22.68 14.52
CA ASN A 217 -3.71 22.98 13.72
C ASN A 217 -3.97 22.82 12.22
N HIS A 218 -3.69 23.87 11.47
CA HIS A 218 -3.76 23.83 10.01
C HIS A 218 -2.41 24.19 9.46
N LYS A 219 -1.51 23.21 9.47
CA LYS A 219 -0.15 23.41 9.01
C LYS A 219 0.00 24.09 7.62
N PRO A 220 -0.87 23.77 6.65
CA PRO A 220 -0.60 24.39 5.34
C PRO A 220 -0.73 25.92 5.33
N SER A 221 -1.41 26.48 6.33
CA SER A 221 -1.54 27.93 6.41
C SER A 221 -0.77 28.44 7.61
N ASN A 222 -0.06 27.54 8.29
CA ASN A 222 0.70 27.86 9.50
C ASN A 222 -0.16 28.57 10.52
N THR A 223 -1.34 28.01 10.74
CA THR A 223 -2.32 28.55 11.65
C THR A 223 -2.58 27.57 12.79
N LYS A 224 -2.43 28.06 14.03
CA LYS A 224 -2.75 27.32 15.24
C LYS A 224 -3.78 28.11 16.05
N VAL A 225 -4.87 27.44 16.42
CA VAL A 225 -5.94 28.08 17.18
C VAL A 225 -6.26 27.30 18.43
N ASP A 226 -6.23 27.95 19.59
CA ASP A 226 -6.74 27.33 20.80
C ASP A 226 -8.05 28.02 21.18
N LYS A 227 -9.15 27.26 21.11
CA LYS A 227 -10.47 27.84 21.34
C LYS A 227 -11.12 27.33 22.60
N ARG A 228 -11.35 28.24 23.53
CA ARG A 228 -12.12 27.96 24.73
C ARG A 228 -13.58 27.69 24.36
N VAL A 229 -14.13 26.58 24.86
CA VAL A 229 -15.55 26.30 24.69
C VAL A 229 -16.27 26.46 26.03
N GLU A 230 -17.27 27.33 26.07
CA GLU A 230 -17.96 27.64 27.32
C GLU A 230 -19.47 27.35 27.23
N PRO A 231 -20.10 27.06 28.38
CA PRO A 231 -21.55 26.83 28.43
C PRO A 231 -22.37 28.01 27.90
N LYS A 232 -23.54 27.72 27.33
CA LYS A 232 -24.39 28.76 26.75
C LYS A 232 -25.48 29.17 27.75
N SER B 1 -9.04 0.90 -13.20
CA SER B 1 -8.67 -0.41 -13.70
C SER B 1 -8.18 -0.35 -15.16
N TYR B 2 -6.97 0.16 -15.34
CA TYR B 2 -6.31 0.18 -16.65
C TYR B 2 -5.90 -1.22 -17.07
N GLU B 3 -4.59 -1.49 -17.09
CA GLU B 3 -4.07 -2.79 -17.49
C GLU B 3 -4.63 -3.93 -16.61
N LEU B 4 -4.83 -3.66 -15.31
CA LEU B 4 -5.41 -4.68 -14.41
C LEU B 4 -6.83 -4.33 -13.94
N THR B 5 -7.82 -5.14 -14.31
CA THR B 5 -9.22 -4.81 -14.07
C THR B 5 -9.85 -5.59 -12.91
N GLN B 6 -10.48 -4.86 -11.99
CA GLN B 6 -11.12 -5.41 -10.81
C GLN B 6 -12.58 -5.01 -10.80
N GLU B 7 -13.41 -5.80 -10.12
CA GLU B 7 -14.80 -5.43 -9.92
C GLU B 7 -14.82 -4.11 -9.15
N THR B 8 -15.63 -3.17 -9.60
CA THR B 8 -15.86 -1.93 -8.87
C THR B 8 -16.21 -2.16 -7.41
N GLY B 9 -17.19 -3.04 -7.19
CA GLY B 9 -17.72 -3.31 -5.88
C GLY B 9 -18.37 -4.68 -5.82
N VAL B 10 -18.30 -5.28 -4.65
CA VAL B 10 -18.91 -6.57 -4.40
C VAL B 10 -19.37 -6.53 -2.95
N SER B 11 -20.46 -7.22 -2.65
CA SER B 11 -20.85 -7.37 -1.26
C SER B 11 -21.00 -8.84 -0.90
N VAL B 12 -20.98 -9.12 0.39
CA VAL B 12 -21.06 -10.50 0.86
C VAL B 12 -21.69 -10.49 2.23
N ALA B 13 -22.58 -11.43 2.49
CA ALA B 13 -23.19 -11.50 3.82
C ALA B 13 -22.11 -11.94 4.79
N LEU B 14 -22.17 -11.41 6.01
CA LEU B 14 -21.25 -11.84 7.06
C LEU B 14 -21.28 -13.37 7.18
N GLY B 15 -20.11 -13.98 7.21
CA GLY B 15 -20.04 -15.42 7.33
C GLY B 15 -19.87 -16.12 5.99
N ARG B 16 -20.33 -15.50 4.92
CA ARG B 16 -20.29 -16.15 3.61
C ARG B 16 -18.95 -15.91 2.90
N THR B 17 -18.77 -16.56 1.76
CA THR B 17 -17.50 -16.51 1.04
C THR B 17 -17.63 -15.68 -0.26
N VAL B 18 -16.59 -14.93 -0.59
CA VAL B 18 -16.60 -14.11 -1.80
C VAL B 18 -15.25 -14.17 -2.49
N THR B 19 -15.27 -14.30 -3.82
CA THR B 19 -14.04 -14.22 -4.59
C THR B 19 -14.00 -12.95 -5.42
N ILE B 20 -12.91 -12.19 -5.30
CA ILE B 20 -12.76 -11.01 -6.13
C ILE B 20 -11.67 -11.27 -7.16
N THR B 21 -11.81 -10.65 -8.33
CA THR B 21 -10.94 -11.00 -9.42
C THR B 21 -10.13 -9.83 -9.95
N CYS B 22 -9.04 -10.16 -10.63
N CYS B 22 -9.04 -10.16 -10.63
CA CYS B 22 -8.14 -9.19 -11.21
CA CYS B 22 -8.14 -9.19 -11.21
C CYS B 22 -7.76 -9.74 -12.58
C CYS B 22 -7.76 -9.74 -12.58
N ARG B 23 -7.94 -8.94 -13.62
CA ARG B 23 -7.77 -9.43 -14.99
C ARG B 23 -6.90 -8.50 -15.83
N GLY B 24 -5.99 -9.11 -16.60
CA GLY B 24 -5.12 -8.39 -17.50
C GLY B 24 -4.14 -9.34 -18.15
N ASP B 25 -3.69 -9.00 -19.35
CA ASP B 25 -2.87 -9.87 -20.17
C ASP B 25 -1.53 -10.23 -19.52
N SER B 26 -1.02 -9.34 -18.66
CA SER B 26 0.25 -9.59 -18.03
C SER B 26 0.15 -10.70 -16.99
N LEU B 27 -1.05 -10.95 -16.47
CA LEU B 27 -1.26 -12.06 -15.53
C LEU B 27 -1.08 -13.42 -16.18
N ARG B 28 -1.00 -13.48 -17.50
CA ARG B 28 -0.74 -14.73 -18.15
C ARG B 28 0.69 -15.13 -17.88
N SER B 29 1.54 -14.16 -17.54
CA SER B 29 2.94 -14.42 -17.25
C SER B 29 3.34 -14.14 -15.81
N HIS B 30 2.59 -13.29 -15.13
CA HIS B 30 2.98 -12.86 -13.80
C HIS B 30 1.93 -13.08 -12.72
N TYR B 31 2.39 -13.44 -11.53
CA TYR B 31 1.48 -13.51 -10.39
C TYR B 31 1.09 -12.13 -9.91
N ALA B 32 -0.02 -12.07 -9.17
CA ALA B 32 -0.49 -10.83 -8.59
C ALA B 32 -0.30 -10.86 -7.09
N SER B 33 -0.16 -9.69 -6.47
CA SER B 33 -0.23 -9.64 -5.03
C SER B 33 -1.43 -8.81 -4.58
N TRP B 34 -1.87 -9.02 -3.35
CA TRP B 34 -3.14 -8.45 -2.92
C TRP B 34 -2.98 -7.62 -1.67
N TYR B 35 -3.74 -6.54 -1.62
CA TYR B 35 -3.63 -5.56 -0.57
C TYR B 35 -5.01 -5.17 -0.09
N GLN B 36 -5.17 -5.09 1.23
CA GLN B 36 -6.36 -4.50 1.82
C GLN B 36 -6.06 -3.05 2.17
N LYS B 37 -7.06 -2.18 2.03
CA LYS B 37 -6.90 -0.81 2.49
C LYS B 37 -8.22 -0.18 2.94
N LYS B 38 -8.19 0.59 4.02
CA LYS B 38 -9.35 1.34 4.47
C LYS B 38 -9.03 2.82 4.43
N PRO B 39 -10.06 3.66 4.29
CA PRO B 39 -9.82 5.10 4.35
C PRO B 39 -9.03 5.47 5.57
N GLY B 40 -8.04 6.34 5.41
CA GLY B 40 -7.24 6.83 6.52
C GLY B 40 -6.16 5.90 7.02
N GLN B 41 -6.05 4.71 6.44
CA GLN B 41 -5.11 3.71 6.95
C GLN B 41 -4.17 3.20 5.87
N ALA B 42 -2.99 2.74 6.29
CA ALA B 42 -2.02 2.19 5.35
C ALA B 42 -2.49 0.86 4.77
N PRO B 43 -2.10 0.57 3.53
CA PRO B 43 -2.43 -0.74 2.96
C PRO B 43 -1.77 -1.89 3.70
N ILE B 44 -2.23 -3.10 3.43
CA ILE B 44 -1.77 -4.31 4.10
C ILE B 44 -1.61 -5.42 3.08
N LEU B 45 -0.41 -6.01 3.02
CA LEU B 45 -0.13 -7.09 2.07
C LEU B 45 -0.85 -8.35 2.54
N LEU B 46 -1.81 -8.84 1.76
CA LEU B 46 -2.56 -10.05 2.12
C LEU B 46 -1.93 -11.33 1.57
N PHE B 47 -1.47 -11.27 0.33
CA PHE B 47 -1.14 -12.46 -0.41
C PHE B 47 -0.29 -12.13 -1.65
N TYR B 48 0.60 -13.05 -2.03
CA TYR B 48 1.42 -12.85 -3.23
C TYR B 48 2.00 -14.15 -3.81
N GLY B 49 2.40 -14.09 -5.08
CA GLY B 49 2.99 -15.21 -5.75
C GLY B 49 2.03 -16.37 -5.94
N LYS B 50 2.58 -17.57 -6.10
CA LYS B 50 1.77 -18.76 -6.29
C LYS B 50 0.85 -19.03 -5.10
N ASN B 51 1.40 -19.05 -3.89
CA ASN B 51 0.60 -19.31 -2.69
C ASN B 51 1.27 -18.86 -1.39
N ASN B 52 1.59 -17.58 -1.32
CA ASN B 52 2.25 -17.03 -0.13
C ASN B 52 1.38 -16.06 0.66
N ARG B 53 1.26 -16.34 1.95
CA ARG B 53 0.51 -15.53 2.87
C ARG B 53 1.43 -15.08 3.98
N PRO B 54 1.61 -13.77 4.12
CA PRO B 54 2.40 -13.24 5.24
C PRO B 54 1.83 -13.71 6.57
N SER B 55 2.74 -13.91 7.52
CA SER B 55 2.30 -14.22 8.88
C SER B 55 1.49 -13.05 9.44
N GLY B 56 0.48 -13.36 10.24
CA GLY B 56 -0.38 -12.33 10.79
C GLY B 56 -1.59 -12.08 9.92
N VAL B 57 -1.53 -12.49 8.65
CA VAL B 57 -2.72 -12.47 7.81
C VAL B 57 -3.58 -13.70 8.11
N PRO B 58 -4.87 -13.48 8.42
CA PRO B 58 -5.78 -14.59 8.72
C PRO B 58 -5.87 -15.57 7.56
N ASP B 59 -6.06 -16.84 7.87
CA ASP B 59 -6.00 -17.86 6.85
C ASP B 59 -7.22 -17.89 5.95
N ARG B 60 -8.24 -17.10 6.29
CA ARG B 60 -9.43 -17.03 5.45
C ARG B 60 -9.18 -16.30 4.13
N PHE B 61 -8.02 -15.65 4.01
CA PHE B 61 -7.61 -15.01 2.77
C PHE B 61 -6.77 -15.94 1.92
N SER B 62 -7.16 -16.11 0.66
CA SER B 62 -6.45 -17.02 -0.23
C SER B 62 -6.40 -16.54 -1.66
N GLY B 63 -5.22 -16.48 -2.26
CA GLY B 63 -5.12 -16.11 -3.66
C GLY B 63 -5.02 -17.32 -4.60
N SER B 64 -5.44 -17.14 -5.84
CA SER B 64 -5.08 -18.10 -6.87
C SER B 64 -5.02 -17.41 -8.23
N ALA B 65 -4.77 -18.19 -9.29
CA ALA B 65 -4.47 -17.63 -10.59
C ALA B 65 -4.80 -18.59 -11.74
N SER B 66 -5.31 -18.05 -12.82
CA SER B 66 -5.59 -18.85 -14.01
C SER B 66 -5.82 -18.03 -15.27
N GLY B 67 -5.16 -18.40 -16.36
CA GLY B 67 -5.29 -17.67 -17.60
C GLY B 67 -4.84 -16.23 -17.38
N ASN B 68 -5.72 -15.28 -17.69
CA ASN B 68 -5.38 -13.89 -17.50
C ASN B 68 -6.04 -13.35 -16.22
N ARG B 69 -6.32 -14.24 -15.29
CA ARG B 69 -7.09 -13.88 -14.12
C ARG B 69 -6.31 -14.22 -12.84
N ALA B 70 -6.33 -13.29 -11.88
CA ALA B 70 -5.87 -13.57 -10.55
C ALA B 70 -7.07 -13.36 -9.63
N SER B 71 -7.12 -14.09 -8.52
CA SER B 71 -8.28 -13.92 -7.67
C SER B 71 -7.96 -14.00 -6.19
N LEU B 72 -8.76 -13.29 -5.38
CA LEU B 72 -8.63 -13.33 -3.93
C LEU B 72 -9.96 -13.81 -3.35
N THR B 73 -9.91 -14.95 -2.70
CA THR B 73 -11.08 -15.52 -2.04
C THR B 73 -11.04 -15.23 -0.54
N ILE B 74 -12.14 -14.71 -0.02
CA ILE B 74 -12.29 -14.48 1.43
C ILE B 74 -13.32 -15.46 2.01
N SER B 75 -12.82 -16.46 2.72
CA SER B 75 -13.66 -17.56 3.18
C SER B 75 -14.30 -17.35 4.56
N GLY B 76 -15.41 -16.64 4.60
CA GLY B 76 -16.14 -16.48 5.84
C GLY B 76 -15.88 -15.08 6.33
N ALA B 77 -16.29 -14.13 5.50
CA ALA B 77 -16.06 -12.70 5.69
C ALA B 77 -16.47 -12.16 7.06
N GLN B 78 -15.53 -11.48 7.71
CA GLN B 78 -15.80 -10.83 8.99
C GLN B 78 -16.09 -9.35 8.73
N ALA B 79 -16.57 -8.65 9.77
CA ALA B 79 -16.93 -7.24 9.65
C ALA B 79 -15.73 -6.37 9.29
N GLU B 80 -14.59 -6.68 9.89
CA GLU B 80 -13.37 -5.93 9.65
C GLU B 80 -12.82 -6.16 8.25
N ASP B 81 -13.44 -7.07 7.50
CA ASP B 81 -13.05 -7.33 6.12
C ASP B 81 -13.74 -6.39 5.16
N ASP B 82 -14.71 -5.64 5.67
CA ASP B 82 -15.30 -4.58 4.87
C ASP B 82 -14.24 -3.50 4.52
N ALA B 83 -13.74 -3.50 3.28
CA ALA B 83 -12.65 -2.60 2.86
C ALA B 83 -12.45 -2.53 1.36
N GLU B 84 -11.41 -1.82 0.94
CA GLU B 84 -10.98 -1.83 -0.46
C GLU B 84 -9.92 -2.91 -0.65
N TYR B 85 -9.94 -3.59 -1.80
CA TYR B 85 -8.92 -4.58 -2.09
C TYR B 85 -8.24 -4.33 -3.43
N TYR B 86 -6.92 -4.30 -3.43
CA TYR B 86 -6.15 -3.98 -4.62
C TYR B 86 -5.24 -5.12 -5.03
N CYS B 87 -5.16 -5.35 -6.34
N CYS B 87 -5.16 -5.35 -6.35
CA CYS B 87 -4.23 -6.33 -6.90
CA CYS B 87 -4.23 -6.33 -6.87
C CYS B 87 -3.08 -5.55 -7.53
C CYS B 87 -3.09 -5.56 -7.55
N SER B 88 -1.94 -6.20 -7.69
CA SER B 88 -0.79 -5.56 -8.31
C SER B 88 0.05 -6.57 -9.05
N SER B 89 0.70 -6.16 -10.13
CA SER B 89 1.56 -7.04 -10.91
C SER B 89 2.33 -6.21 -11.94
N ARG B 90 3.00 -6.87 -12.88
CA ARG B 90 3.62 -6.15 -14.00
C ARG B 90 2.54 -5.50 -14.89
N ASP B 91 2.83 -4.35 -15.48
CA ASP B 91 1.85 -3.74 -16.39
C ASP B 91 1.87 -4.45 -17.73
N LYS B 92 2.84 -5.34 -17.88
CA LYS B 92 3.07 -5.95 -19.17
C LYS B 92 3.98 -7.12 -18.94
N SER B 93 3.80 -8.16 -19.74
CA SER B 93 4.63 -9.33 -19.68
C SER B 93 6.08 -8.95 -19.88
N GLY B 94 6.94 -9.28 -18.91
CA GLY B 94 8.36 -9.07 -19.03
C GLY B 94 8.83 -7.68 -18.61
N SER B 95 7.92 -6.91 -18.02
CA SER B 95 8.18 -5.51 -17.71
C SER B 95 8.83 -5.35 -16.31
N ARG B 96 9.65 -4.32 -16.15
CA ARG B 96 10.19 -3.94 -14.84
C ARG B 96 9.26 -2.98 -14.10
N LEU B 97 8.23 -2.48 -14.76
CA LEU B 97 7.28 -1.61 -14.10
C LEU B 97 6.23 -2.45 -13.37
N SER B 98 5.51 -1.82 -12.45
CA SER B 98 4.43 -2.45 -11.74
C SER B 98 3.20 -1.59 -11.85
N VAL B 99 2.05 -2.17 -11.52
CA VAL B 99 0.78 -1.46 -11.68
C VAL B 99 -0.21 -2.01 -10.67
N PHE B 100 -1.20 -1.21 -10.27
CA PHE B 100 -2.29 -1.70 -9.40
C PHE B 100 -3.57 -1.81 -10.20
N GLY B 101 -4.44 -2.74 -9.82
CA GLY B 101 -5.81 -2.73 -10.30
C GLY B 101 -6.48 -1.46 -9.79
N GLY B 102 -7.61 -1.09 -10.39
CA GLY B 102 -8.40 0.04 -9.89
C GLY B 102 -9.08 -0.16 -8.53
N GLY B 103 -9.08 -1.38 -8.03
CA GLY B 103 -9.65 -1.63 -6.72
C GLY B 103 -11.11 -2.11 -6.63
N THR B 104 -11.39 -2.91 -5.61
CA THR B 104 -12.74 -3.40 -5.37
C THR B 104 -13.22 -2.99 -3.97
N LYS B 105 -14.36 -2.33 -3.92
CA LYS B 105 -14.97 -2.02 -2.63
C LYS B 105 -15.81 -3.20 -2.19
N LEU B 106 -15.36 -3.88 -1.13
CA LEU B 106 -16.09 -5.02 -0.59
C LEU B 106 -16.90 -4.60 0.61
N THR B 107 -18.22 -4.73 0.48
CA THR B 107 -19.11 -4.42 1.59
C THR B 107 -19.53 -5.68 2.28
N VAL B 108 -19.23 -5.79 3.57
CA VAL B 108 -19.72 -6.92 4.33
C VAL B 108 -21.05 -6.58 4.98
N LEU B 109 -22.12 -7.24 4.53
CA LEU B 109 -23.40 -7.10 5.19
C LEU B 109 -23.30 -7.75 6.56
N SER B 110 -22.93 -6.94 7.55
CA SER B 110 -22.71 -7.43 8.91
C SER B 110 -23.92 -7.20 9.80
N GLN B 111 -23.64 -6.77 11.03
CA GLN B 111 -24.62 -6.62 12.12
C GLN B 111 -25.98 -6.04 11.71
N PRO B 112 -27.02 -6.27 12.53
CA PRO B 112 -28.34 -5.69 12.24
C PRO B 112 -28.32 -4.16 12.24
N LYS B 113 -29.47 -3.57 11.97
CA LYS B 113 -29.61 -2.12 11.95
C LYS B 113 -29.14 -1.46 13.23
N ALA B 114 -28.52 -0.30 13.10
CA ALA B 114 -28.25 0.56 14.25
C ALA B 114 -28.67 1.98 13.87
N ALA B 115 -29.54 2.55 14.68
CA ALA B 115 -30.11 3.87 14.41
C ALA B 115 -29.12 4.98 14.78
N PRO B 116 -29.09 6.05 13.98
CA PRO B 116 -28.11 7.14 14.13
C PRO B 116 -28.34 8.03 15.33
N SER B 117 -27.27 8.54 15.93
CA SER B 117 -27.35 9.64 16.87
C SER B 117 -27.30 10.92 16.07
N VAL B 118 -28.21 11.86 16.35
CA VAL B 118 -28.21 13.12 15.64
C VAL B 118 -28.07 14.28 16.64
N THR B 119 -26.94 14.98 16.54
CA THR B 119 -26.66 16.14 17.34
C THR B 119 -26.63 17.37 16.44
N LEU B 120 -27.45 18.34 16.80
CA LEU B 120 -27.58 19.54 15.99
C LEU B 120 -27.11 20.73 16.80
N PHE B 121 -26.12 21.50 16.30
CA PHE B 121 -25.68 22.71 17.00
C PHE B 121 -26.14 23.95 16.23
N PRO B 122 -26.59 24.99 16.96
CA PRO B 122 -26.95 26.30 16.41
C PRO B 122 -25.70 27.15 16.13
N PRO B 123 -25.82 28.20 15.30
CA PRO B 123 -24.70 29.12 15.07
C PRO B 123 -24.19 29.66 16.40
N SER B 124 -22.89 29.68 16.59
CA SER B 124 -22.32 30.28 17.78
C SER B 124 -22.51 31.79 17.76
N SER B 125 -22.38 32.41 18.94
CA SER B 125 -22.44 33.85 19.05
C SER B 125 -21.27 34.48 18.31
N GLU B 126 -20.09 33.87 18.44
CA GLU B 126 -18.92 34.32 17.70
C GLU B 126 -19.13 34.35 16.20
N GLU B 127 -19.74 33.30 15.65
CA GLU B 127 -19.89 33.27 14.20
C GLU B 127 -20.83 34.37 13.71
N LEU B 128 -21.92 34.63 14.44
CA LEU B 128 -22.81 35.74 14.08
C LEU B 128 -22.08 37.08 14.17
N GLN B 129 -21.13 37.16 15.10
CA GLN B 129 -20.38 38.40 15.28
C GLN B 129 -19.40 38.62 14.10
N ALA B 130 -19.11 37.55 13.36
CA ALA B 130 -18.32 37.62 12.14
C ALA B 130 -19.21 37.62 10.90
N ASN B 131 -20.49 37.93 11.12
CA ASN B 131 -21.48 38.11 10.05
C ASN B 131 -21.74 36.89 9.20
N LYS B 132 -21.52 35.71 9.79
CA LYS B 132 -21.92 34.46 9.14
C LYS B 132 -22.68 33.57 10.13
N ALA B 133 -23.16 32.43 9.66
CA ALA B 133 -24.01 31.59 10.49
C ALA B 133 -24.09 30.18 9.93
N THR B 134 -23.70 29.20 10.74
CA THR B 134 -23.60 27.83 10.27
C THR B 134 -24.26 26.84 11.23
N LEU B 135 -25.29 26.15 10.76
CA LEU B 135 -25.87 25.08 11.58
C LEU B 135 -25.15 23.77 11.33
N VAL B 136 -24.88 23.03 12.40
CA VAL B 136 -24.07 21.83 12.28
C VAL B 136 -24.81 20.59 12.78
N CYS B 137 -25.10 19.69 11.85
CA CYS B 137 -25.79 18.46 12.21
C CYS B 137 -24.85 17.26 12.10
N LEU B 138 -24.57 16.65 13.26
CA LEU B 138 -23.66 15.51 13.36
C LEU B 138 -24.42 14.19 13.54
N ILE B 139 -24.09 13.20 12.72
CA ILE B 139 -24.83 11.95 12.65
C ILE B 139 -23.85 10.80 12.82
N SER B 140 -24.13 9.88 13.74
CA SER B 140 -23.16 8.82 14.03
C SER B 140 -23.76 7.48 14.45
N ASP B 141 -22.92 6.46 14.42
CA ASP B 141 -23.25 5.14 14.93
C ASP B 141 -24.45 4.49 14.25
N PHE B 142 -24.62 4.73 12.95
CA PHE B 142 -25.70 4.10 12.23
C PHE B 142 -25.19 2.93 11.35
N TYR B 143 -26.10 2.02 11.01
CA TYR B 143 -25.77 0.91 10.13
C TYR B 143 -27.07 0.36 9.54
N PRO B 144 -27.08 0.08 8.23
CA PRO B 144 -26.00 0.21 7.26
C PRO B 144 -25.61 1.68 7.00
N GLY B 145 -24.59 1.91 6.19
CA GLY B 145 -24.04 3.26 6.02
C GLY B 145 -24.67 4.11 4.92
N ALA B 146 -26.00 4.21 4.91
CA ALA B 146 -26.70 5.13 4.01
C ALA B 146 -27.71 5.95 4.78
N VAL B 147 -27.82 7.22 4.43
CA VAL B 147 -28.68 8.10 5.20
C VAL B 147 -29.12 9.28 4.34
N THR B 148 -30.30 9.81 4.62
CA THR B 148 -30.77 11.01 3.92
C THR B 148 -30.90 12.15 4.92
N VAL B 149 -30.36 13.30 4.55
CA VAL B 149 -30.41 14.46 5.42
C VAL B 149 -31.14 15.60 4.72
N ALA B 150 -32.28 15.99 5.28
CA ALA B 150 -33.00 17.16 4.83
C ALA B 150 -32.96 18.24 5.92
N TRP B 151 -33.04 19.49 5.49
CA TRP B 151 -33.08 20.63 6.40
C TRP B 151 -34.37 21.39 6.25
N LYS B 152 -34.85 21.97 7.34
CA LYS B 152 -36.08 22.74 7.25
C LYS B 152 -35.93 24.12 7.88
N ALA B 153 -36.50 25.12 7.21
CA ALA B 153 -36.64 26.45 7.78
C ALA B 153 -38.10 26.59 8.16
N ASP B 154 -38.36 26.65 9.46
CA ASP B 154 -39.70 26.36 9.99
C ASP B 154 -40.11 25.00 9.46
N SER B 155 -41.30 24.93 8.91
CA SER B 155 -41.81 23.67 8.38
C SER B 155 -41.55 23.55 6.87
N SER B 156 -40.84 24.53 6.31
CA SER B 156 -40.49 24.51 4.88
C SER B 156 -39.12 23.87 4.64
N PRO B 157 -38.99 23.07 3.57
CA PRO B 157 -37.71 22.43 3.22
C PRO B 157 -36.67 23.46 2.78
N VAL B 158 -35.38 23.14 2.93
CA VAL B 158 -34.33 24.05 2.52
C VAL B 158 -33.38 23.39 1.54
N LYS B 159 -33.20 24.04 0.39
CA LYS B 159 -32.38 23.50 -0.69
C LYS B 159 -30.92 23.95 -0.62
N ALA B 160 -30.71 25.25 -0.70
CA ALA B 160 -29.35 25.78 -0.77
C ALA B 160 -28.76 26.03 0.62
N GLY B 161 -27.44 26.15 0.68
CA GLY B 161 -26.71 26.33 1.93
C GLY B 161 -26.28 25.00 2.51
N VAL B 162 -26.88 23.93 1.99
CA VAL B 162 -26.70 22.59 2.53
C VAL B 162 -25.52 21.86 1.90
N GLU B 163 -24.60 21.40 2.73
CA GLU B 163 -23.52 20.54 2.28
C GLU B 163 -23.46 19.36 3.24
N THR B 164 -23.40 18.14 2.70
CA THR B 164 -23.47 16.91 3.50
C THR B 164 -22.36 15.92 3.10
N THR B 165 -21.65 15.34 4.06
CA THR B 165 -20.57 14.43 3.70
C THR B 165 -21.12 13.09 3.26
N THR B 166 -20.31 12.35 2.50
CA THR B 166 -20.64 10.97 2.24
C THR B 166 -20.35 10.21 3.53
N PRO B 167 -21.09 9.12 3.82
CA PRO B 167 -20.88 8.44 5.10
C PRO B 167 -19.51 7.77 5.20
N SER B 168 -18.88 7.84 6.36
CA SER B 168 -17.60 7.18 6.58
C SER B 168 -17.65 6.25 7.78
N LYS B 169 -16.88 5.17 7.70
CA LYS B 169 -16.84 4.11 8.70
C LYS B 169 -16.10 4.49 9.98
N GLN B 170 -16.75 4.29 11.13
CA GLN B 170 -16.10 4.52 12.42
C GLN B 170 -15.22 3.33 12.78
N SER B 171 -14.54 3.41 13.92
CA SER B 171 -13.68 2.31 14.38
C SER B 171 -14.51 1.15 14.89
N ASN B 172 -15.81 1.37 14.99
CA ASN B 172 -16.70 0.34 15.48
C ASN B 172 -17.57 -0.16 14.34
N ASN B 173 -17.11 0.07 13.11
CA ASN B 173 -17.76 -0.44 11.89
C ASN B 173 -19.18 0.08 11.67
N LYS B 174 -19.62 1.03 12.49
CA LYS B 174 -20.82 1.79 12.20
C LYS B 174 -20.34 3.02 11.44
N TYR B 175 -21.25 3.88 11.02
CA TYR B 175 -20.87 4.96 10.11
C TYR B 175 -21.17 6.32 10.71
N ALA B 176 -20.58 7.34 10.11
CA ALA B 176 -20.75 8.70 10.55
C ALA B 176 -21.00 9.60 9.35
N ALA B 177 -21.72 10.68 9.57
CA ALA B 177 -21.78 11.70 8.54
C ALA B 177 -22.03 13.04 9.19
N SER B 178 -21.89 14.10 8.40
CA SER B 178 -22.19 15.41 8.93
C SER B 178 -22.77 16.29 7.84
N SER B 179 -23.64 17.20 8.25
CA SER B 179 -24.29 18.09 7.32
C SER B 179 -24.26 19.52 7.87
N TYR B 180 -23.83 20.46 7.03
CA TYR B 180 -23.75 21.86 7.41
C TYR B 180 -24.75 22.68 6.61
N LEU B 181 -25.52 23.53 7.29
CA LEU B 181 -26.36 24.50 6.61
C LEU B 181 -25.80 25.89 6.86
N SER B 182 -25.36 26.53 5.79
CA SER B 182 -24.76 27.85 5.86
C SER B 182 -25.77 28.92 5.48
N LEU B 183 -25.91 29.93 6.32
CA LEU B 183 -26.88 30.99 6.07
C LEU B 183 -26.40 32.32 6.62
N THR B 184 -27.08 33.40 6.22
CA THR B 184 -26.74 34.72 6.68
C THR B 184 -27.33 34.89 8.06
N PRO B 185 -26.78 35.82 8.86
CA PRO B 185 -27.38 36.04 10.18
C PRO B 185 -28.84 36.47 10.08
N GLU B 186 -29.17 37.18 9.01
CA GLU B 186 -30.52 37.64 8.77
C GLU B 186 -31.47 36.47 8.60
N GLN B 187 -31.05 35.46 7.82
CA GLN B 187 -31.87 34.28 7.59
C GLN B 187 -32.09 33.49 8.86
N TRP B 188 -31.03 33.36 9.65
CA TRP B 188 -31.09 32.70 10.95
C TRP B 188 -32.09 33.39 11.88
N LYS B 189 -31.98 34.71 11.99
CA LYS B 189 -32.85 35.50 12.87
C LYS B 189 -34.26 35.70 12.31
N SER B 190 -34.44 35.34 11.03
CA SER B 190 -35.69 35.61 10.32
C SER B 190 -36.78 34.58 10.59
N HIS B 191 -36.40 33.31 10.70
CA HIS B 191 -37.36 32.20 10.91
C HIS B 191 -37.48 31.82 12.39
N ARG B 192 -38.53 31.06 12.70
CA ARG B 192 -38.78 30.69 14.09
C ARG B 192 -37.98 29.46 14.49
N SER B 193 -37.66 28.63 13.51
CA SER B 193 -36.91 27.40 13.77
C SER B 193 -36.23 26.86 12.52
N TYR B 194 -35.18 26.09 12.75
CA TYR B 194 -34.52 25.31 11.71
C TYR B 194 -34.40 23.87 12.16
N SER B 195 -34.55 22.92 11.25
CA SER B 195 -34.49 21.52 11.64
C SER B 195 -33.56 20.71 10.74
N CYS B 196 -32.81 19.80 11.36
CA CYS B 196 -32.02 18.79 10.63
C CYS B 196 -32.75 17.45 10.69
N GLN B 197 -33.22 16.98 9.54
CA GLN B 197 -34.02 15.77 9.47
C GLN B 197 -33.24 14.61 8.84
N VAL B 198 -33.03 13.56 9.62
CA VAL B 198 -32.20 12.45 9.21
C VAL B 198 -33.06 11.22 9.04
N THR B 199 -33.02 10.61 7.87
CA THR B 199 -33.77 9.39 7.65
C THR B 199 -32.85 8.20 7.47
N HIS B 200 -33.10 7.12 8.21
CA HIS B 200 -32.29 5.91 8.13
C HIS B 200 -33.21 4.69 8.14
N GLU B 201 -33.20 3.96 7.03
CA GLU B 201 -33.98 2.74 6.87
C GLU B 201 -35.45 2.93 7.19
N GLY B 202 -36.04 3.98 6.65
CA GLY B 202 -37.46 4.23 6.82
C GLY B 202 -37.82 4.84 8.16
N SER B 203 -36.81 5.21 8.95
CA SER B 203 -37.08 5.83 10.23
C SER B 203 -36.39 7.18 10.31
N THR B 204 -37.05 8.14 10.96
CA THR B 204 -36.60 9.53 10.94
C THR B 204 -36.45 10.15 12.32
N VAL B 205 -35.32 10.81 12.54
CA VAL B 205 -35.19 11.68 13.69
C VAL B 205 -34.97 13.11 13.20
N GLU B 206 -35.74 14.02 13.78
CA GLU B 206 -35.62 15.43 13.47
C GLU B 206 -35.20 16.21 14.71
N LYS B 207 -34.15 17.02 14.58
CA LYS B 207 -33.68 17.89 15.64
C LYS B 207 -33.89 19.34 15.22
N THR B 208 -34.43 20.15 16.12
CA THR B 208 -34.73 21.54 15.80
C THR B 208 -33.98 22.46 16.75
N VAL B 209 -33.48 23.56 16.21
CA VAL B 209 -32.95 24.63 17.06
C VAL B 209 -33.61 25.94 16.67
N ALA B 210 -33.66 26.87 17.60
CA ALA B 210 -34.21 28.19 17.33
C ALA B 210 -33.28 29.28 17.87
N PRO B 211 -33.36 30.48 17.28
CA PRO B 211 -32.68 31.65 17.85
C PRO B 211 -33.15 31.94 19.28
N THR B 212 -32.30 31.70 20.28
CA THR B 212 -32.60 31.95 21.70
C THR B 212 -31.46 31.49 22.60
N MET C 3 25.16 -5.28 -12.33
CA MET C 3 25.37 -4.20 -13.30
C MET C 3 24.97 -4.72 -14.68
N GLN C 4 24.13 -5.76 -14.65
CA GLN C 4 23.39 -6.34 -15.80
C GLN C 4 24.17 -7.40 -16.58
N GLY C 5 25.47 -7.21 -16.77
CA GLY C 5 26.28 -8.20 -17.44
C GLY C 5 26.38 -9.50 -16.65
N ILE C 6 26.61 -10.61 -17.34
CA ILE C 6 26.93 -11.87 -16.69
C ILE C 6 28.31 -12.34 -17.12
N HIS C 7 29.25 -12.44 -16.20
CA HIS C 7 30.57 -12.91 -16.59
C HIS C 7 30.60 -14.42 -16.68
N PHE C 8 30.97 -14.91 -17.85
CA PHE C 8 31.09 -16.33 -18.10
C PHE C 8 32.31 -16.55 -18.97
N ARG C 9 33.33 -17.17 -18.40
CA ARG C 9 34.60 -17.31 -19.09
C ARG C 9 34.94 -18.78 -19.29
N ARG C 10 35.84 -19.04 -20.24
CA ARG C 10 36.17 -20.40 -20.65
C ARG C 10 36.64 -21.28 -19.50
N HIS C 11 37.22 -20.67 -18.46
CA HIS C 11 37.66 -21.45 -17.31
C HIS C 11 36.56 -21.58 -16.25
N TYR C 12 35.34 -21.14 -16.61
CA TYR C 12 34.15 -21.34 -15.78
C TYR C 12 33.38 -22.58 -16.24
N VAL C 13 34.09 -23.50 -16.89
CA VAL C 13 33.51 -24.71 -17.46
C VAL C 13 34.48 -25.85 -17.19
N ARG C 14 34.10 -26.83 -16.39
CA ARG C 14 35.03 -27.93 -16.13
C ARG C 14 34.38 -29.29 -15.95
N HIS C 15 35.12 -30.31 -16.34
CA HIS C 15 34.75 -31.68 -16.04
C HIS C 15 35.33 -32.07 -14.69
N LEU C 16 34.55 -32.79 -13.89
CA LEU C 16 34.99 -33.15 -12.56
C LEU C 16 35.35 -34.64 -12.48
N PRO C 17 36.26 -35.00 -11.56
CA PRO C 17 36.63 -36.41 -11.35
C PRO C 17 35.47 -37.22 -10.78
N LYS C 18 35.62 -38.54 -10.76
CA LYS C 18 34.55 -39.46 -10.39
C LYS C 18 34.19 -39.40 -8.90
N GLU C 19 35.14 -39.69 -8.03
CA GLU C 19 34.81 -39.83 -6.62
C GLU C 19 34.69 -38.47 -5.91
N VAL C 20 33.94 -37.55 -6.51
CA VAL C 20 33.72 -36.26 -5.86
C VAL C 20 32.37 -36.26 -5.16
N SER C 21 32.34 -35.76 -3.95
CA SER C 21 31.09 -35.56 -3.24
C SER C 21 30.40 -34.31 -3.75
N GLN C 22 29.29 -33.98 -3.12
CA GLN C 22 28.57 -32.75 -3.41
C GLN C 22 29.39 -31.50 -3.05
N ASN C 23 30.01 -31.51 -1.87
CA ASN C 23 30.80 -30.38 -1.44
C ASN C 23 32.06 -30.20 -2.27
N ASP C 24 32.68 -31.31 -2.68
CA ASP C 24 33.85 -31.29 -3.55
C ASP C 24 33.49 -30.48 -4.80
N ILE C 25 32.37 -30.83 -5.43
CA ILE C 25 31.84 -30.16 -6.61
C ILE C 25 31.66 -28.66 -6.38
N ILE C 26 30.96 -28.32 -5.30
CA ILE C 26 30.70 -26.93 -4.96
C ILE C 26 31.98 -26.10 -4.78
N LYS C 27 33.00 -26.67 -4.13
CA LYS C 27 34.26 -25.96 -3.94
C LYS C 27 35.03 -25.83 -5.24
N ALA C 28 34.95 -26.86 -6.07
CA ALA C 28 35.62 -26.82 -7.36
C ALA C 28 34.96 -25.81 -8.30
N LEU C 29 33.64 -25.71 -8.31
CA LEU C 29 33.02 -24.75 -9.22
C LEU C 29 33.16 -23.30 -8.70
N ALA C 30 33.21 -23.14 -7.39
CA ALA C 30 33.36 -21.82 -6.80
C ALA C 30 34.80 -21.32 -6.92
N SER C 31 35.74 -22.23 -7.07
CA SER C 31 37.17 -21.89 -7.11
C SER C 31 37.54 -20.87 -8.19
N PRO C 32 37.14 -21.09 -9.45
CA PRO C 32 37.54 -20.02 -10.39
C PRO C 32 36.81 -18.71 -10.14
N LEU C 33 35.63 -18.75 -9.51
CA LEU C 33 34.92 -17.49 -9.23
C LEU C 33 35.65 -16.70 -8.16
N ILE C 34 36.09 -17.41 -7.13
CA ILE C 34 36.91 -16.82 -6.08
C ILE C 34 38.22 -16.23 -6.61
N ASN C 35 38.94 -17.00 -7.42
CA ASN C 35 40.19 -16.50 -7.98
C ASN C 35 39.99 -15.23 -8.76
N ASP C 36 38.90 -15.15 -9.51
CA ASP C 36 38.63 -13.96 -10.32
C ASP C 36 38.08 -12.79 -9.51
N GLY C 37 37.82 -13.02 -8.22
CA GLY C 37 37.31 -11.98 -7.35
C GLY C 37 35.84 -11.66 -7.61
N MET C 38 35.07 -12.66 -8.05
CA MET C 38 33.68 -12.48 -8.42
C MET C 38 32.74 -12.73 -7.24
N VAL C 39 33.27 -13.41 -6.23
CA VAL C 39 32.57 -13.70 -5.00
C VAL C 39 33.50 -13.50 -3.82
N VAL C 40 32.94 -13.42 -2.62
CA VAL C 40 33.75 -13.46 -1.40
C VAL C 40 34.58 -14.76 -1.34
N SER C 41 35.63 -14.76 -0.54
CA SER C 41 36.62 -15.83 -0.58
C SER C 41 36.12 -17.15 0.03
N ASP C 42 35.11 -17.08 0.88
CA ASP C 42 34.56 -18.29 1.51
C ASP C 42 33.19 -18.64 0.92
N PHE C 43 33.00 -18.23 -0.32
CA PHE C 43 31.76 -18.44 -1.06
C PHE C 43 31.25 -19.87 -1.01
N ALA C 44 32.15 -20.82 -1.18
CA ALA C 44 31.78 -22.22 -1.25
C ALA C 44 31.07 -22.62 0.04
N ASP C 45 31.63 -22.19 1.17
CA ASP C 45 31.04 -22.46 2.47
C ASP C 45 29.59 -22.00 2.54
N HIS C 46 29.29 -20.85 1.93
CA HIS C 46 27.94 -20.34 1.99
C HIS C 46 27.01 -21.09 1.04
N VAL C 47 27.54 -21.60 -0.06
CA VAL C 47 26.72 -22.35 -0.99
C VAL C 47 26.41 -23.70 -0.37
N ILE C 48 27.45 -24.31 0.19
CA ILE C 48 27.31 -25.57 0.90
C ILE C 48 26.24 -25.47 1.98
N THR C 49 26.38 -24.48 2.85
CA THR C 49 25.46 -24.33 3.97
C THR C 49 24.04 -24.08 3.47
N ARG C 50 23.91 -23.40 2.35
CA ARG C 50 22.58 -23.13 1.82
C ARG C 50 21.95 -24.36 1.17
N GLU C 51 22.79 -25.15 0.51
CA GLU C 51 22.34 -26.34 -0.20
C GLU C 51 21.75 -27.34 0.79
N GLN C 52 22.32 -27.39 1.99
CA GLN C 52 21.85 -28.28 3.02
C GLN C 52 20.45 -27.97 3.52
N ASN C 53 20.09 -26.69 3.61
CA ASN C 53 18.77 -26.35 4.11
C ASN C 53 17.76 -26.11 2.99
N PHE C 54 18.28 -25.80 1.80
CA PHE C 54 17.44 -25.49 0.65
C PHE C 54 18.06 -26.14 -0.58
N PRO C 55 17.80 -27.42 -0.80
CA PRO C 55 18.53 -28.14 -1.86
C PRO C 55 18.17 -27.66 -3.26
N THR C 56 19.09 -27.86 -4.21
CA THR C 56 18.86 -27.35 -5.54
C THR C 56 18.86 -28.38 -6.65
N GLY C 57 18.44 -29.61 -6.33
CA GLY C 57 18.41 -30.67 -7.32
C GLY C 57 17.11 -30.65 -8.12
N LEU C 58 17.22 -30.76 -9.44
CA LEU C 58 16.06 -30.84 -10.34
C LEU C 58 15.96 -32.20 -11.02
N PRO C 59 14.90 -32.96 -10.70
CA PRO C 59 14.80 -34.33 -11.24
C PRO C 59 14.33 -34.37 -12.70
N VAL C 60 15.00 -33.65 -13.59
CA VAL C 60 14.67 -33.66 -15.01
C VAL C 60 15.38 -34.81 -15.75
N GLU C 61 14.77 -35.31 -16.82
CA GLU C 61 15.34 -36.38 -17.63
C GLU C 61 15.70 -35.83 -19.01
N PRO C 62 16.77 -36.34 -19.64
CA PRO C 62 17.61 -37.48 -19.22
C PRO C 62 18.88 -37.11 -18.45
N VAL C 63 19.13 -35.83 -18.22
CA VAL C 63 20.32 -35.45 -17.49
C VAL C 63 19.91 -34.68 -16.26
N GLY C 64 20.15 -35.25 -15.08
CA GLY C 64 19.82 -34.61 -13.82
C GLY C 64 20.62 -33.33 -13.66
N VAL C 65 20.02 -32.33 -13.02
CA VAL C 65 20.66 -31.02 -12.86
C VAL C 65 20.53 -30.48 -11.42
N ALA C 66 21.54 -29.70 -11.00
CA ALA C 66 21.41 -28.87 -9.80
C ALA C 66 21.84 -27.43 -10.06
N ILE C 67 21.28 -26.49 -9.31
CA ILE C 67 21.71 -25.10 -9.43
C ILE C 67 22.09 -24.51 -8.07
N PRO C 68 23.21 -24.98 -7.51
CA PRO C 68 23.60 -24.47 -6.19
C PRO C 68 23.98 -22.99 -6.20
N HIS C 69 23.67 -22.34 -5.08
CA HIS C 69 23.90 -20.91 -4.94
C HIS C 69 23.84 -20.56 -3.47
N THR C 70 23.99 -19.27 -3.17
CA THR C 70 23.83 -18.79 -1.82
C THR C 70 23.24 -17.39 -1.90
N ASP C 71 23.38 -16.62 -0.83
CA ASP C 71 22.81 -15.28 -0.79
C ASP C 71 23.54 -14.27 -1.71
N SER C 72 22.80 -13.36 -2.31
CA SER C 72 23.36 -12.42 -3.26
C SER C 72 24.42 -11.51 -2.65
N LYS C 73 24.35 -11.34 -1.33
CA LYS C 73 25.27 -10.47 -0.62
C LYS C 73 26.69 -11.03 -0.55
N TYR C 74 26.90 -12.23 -1.08
CA TYR C 74 28.23 -12.83 -1.16
C TYR C 74 28.80 -12.67 -2.56
N VAL C 75 28.03 -12.05 -3.44
CA VAL C 75 28.46 -11.89 -4.83
C VAL C 75 29.07 -10.50 -5.05
N ARG C 76 30.10 -10.43 -5.87
CA ARG C 76 30.76 -9.15 -6.18
C ARG C 76 30.46 -8.72 -7.61
N GLN C 77 30.59 -9.64 -8.56
CA GLN C 77 30.16 -9.41 -9.95
C GLN C 77 29.40 -10.66 -10.43
N ASN C 78 28.38 -10.47 -11.26
CA ASN C 78 27.63 -11.60 -11.83
C ASN C 78 28.54 -12.59 -12.52
N ALA C 79 28.39 -13.85 -12.13
CA ALA C 79 29.18 -14.92 -12.73
C ALA C 79 28.40 -16.21 -12.67
N ILE C 80 28.75 -17.13 -13.57
CA ILE C 80 28.14 -18.45 -13.62
C ILE C 80 29.24 -19.49 -13.79
N SER C 81 29.14 -20.61 -13.08
CA SER C 81 30.17 -21.63 -13.14
C SER C 81 29.55 -23.01 -13.40
N VAL C 82 30.14 -23.75 -14.32
CA VAL C 82 29.51 -24.95 -14.85
C VAL C 82 30.34 -26.21 -14.62
N GLY C 83 29.71 -27.24 -14.06
CA GLY C 83 30.39 -28.50 -13.87
C GLY C 83 29.74 -29.66 -14.59
N ILE C 84 30.56 -30.48 -15.23
CA ILE C 84 30.11 -31.73 -15.81
C ILE C 84 30.63 -32.90 -14.98
N LEU C 85 29.72 -33.70 -14.46
CA LEU C 85 30.08 -34.81 -13.57
C LEU C 85 30.39 -36.05 -14.39
N ALA C 86 31.46 -36.75 -14.01
CA ALA C 86 31.83 -38.00 -14.67
C ALA C 86 30.75 -39.04 -14.46
N GLU C 87 30.15 -39.04 -13.28
CA GLU C 87 29.01 -39.92 -13.01
C GLU C 87 28.12 -39.29 -11.96
N PRO C 88 26.87 -39.77 -11.83
CA PRO C 88 25.92 -39.01 -11.02
C PRO C 88 26.37 -38.83 -9.59
N VAL C 89 26.05 -37.68 -9.02
CA VAL C 89 26.18 -37.45 -7.60
C VAL C 89 24.83 -36.92 -7.15
N ASN C 90 24.32 -37.48 -6.07
CA ASN C 90 22.98 -37.14 -5.61
C ASN C 90 22.94 -35.73 -5.02
N PHE C 91 21.99 -34.90 -5.46
CA PHE C 91 21.60 -33.72 -4.71
C PHE C 91 20.21 -33.96 -4.14
N GLU C 92 19.87 -33.33 -3.03
CA GLU C 92 18.51 -33.47 -2.56
C GLU C 92 17.63 -32.73 -3.54
N ASP C 93 16.37 -33.14 -3.56
CA ASP C 93 15.39 -32.65 -4.50
C ASP C 93 14.85 -31.29 -4.07
N ALA C 94 14.92 -30.32 -4.97
CA ALA C 94 14.53 -28.95 -4.65
C ALA C 94 13.07 -28.85 -4.26
N GLY C 95 12.27 -29.84 -4.63
CA GLY C 95 10.84 -29.80 -4.40
C GLY C 95 10.38 -30.47 -3.13
N GLY C 96 11.30 -31.14 -2.45
CA GLY C 96 10.97 -31.89 -1.25
C GLY C 96 10.56 -33.35 -1.48
N GLU C 97 10.78 -33.87 -2.68
CA GLU C 97 10.66 -35.32 -2.91
C GLU C 97 11.73 -36.08 -2.12
N PRO C 98 11.41 -37.28 -1.61
CA PRO C 98 12.43 -38.05 -0.87
C PRO C 98 13.58 -38.60 -1.73
N ASP C 99 13.35 -38.91 -3.00
CA ASP C 99 14.38 -39.49 -3.83
C ASP C 99 15.43 -38.44 -4.19
N PRO C 100 16.70 -38.83 -4.09
CA PRO C 100 17.73 -37.87 -4.51
C PRO C 100 17.68 -37.68 -6.01
N VAL C 101 18.33 -36.63 -6.48
CA VAL C 101 18.50 -36.40 -7.90
C VAL C 101 19.93 -36.84 -8.29
N PRO C 102 20.02 -37.79 -9.24
CA PRO C 102 21.30 -38.20 -9.83
C PRO C 102 21.82 -37.12 -10.77
N VAL C 103 22.58 -36.17 -10.24
CA VAL C 103 22.95 -34.99 -11.00
C VAL C 103 24.15 -35.28 -11.89
N ARG C 104 24.10 -34.80 -13.13
CA ARG C 104 25.27 -34.88 -14.00
C ARG C 104 25.75 -33.48 -14.40
N VAL C 105 24.86 -32.50 -14.37
CA VAL C 105 25.22 -31.14 -14.76
C VAL C 105 24.89 -30.13 -13.67
N VAL C 106 25.89 -29.34 -13.29
CA VAL C 106 25.74 -28.40 -12.18
C VAL C 106 25.89 -26.97 -12.67
N PHE C 107 24.88 -26.14 -12.41
CA PHE C 107 24.96 -24.70 -12.69
C PHE C 107 25.12 -23.91 -11.39
N MET C 108 26.34 -23.61 -11.01
CA MET C 108 26.57 -22.74 -9.87
C MET C 108 26.29 -21.30 -10.29
N LEU C 109 25.45 -20.62 -9.52
CA LEU C 109 25.06 -19.25 -9.81
C LEU C 109 25.60 -18.31 -8.76
N ALA C 110 26.40 -17.35 -9.20
CA ALA C 110 26.84 -16.24 -8.38
C ALA C 110 26.28 -14.93 -8.94
N LEU C 111 24.99 -14.68 -8.75
CA LEU C 111 24.37 -13.47 -9.32
C LEU C 111 23.85 -12.51 -8.25
N GLY C 112 24.07 -11.22 -8.44
CA GLY C 112 23.66 -10.26 -7.44
C GLY C 112 22.61 -9.30 -7.96
N ASN C 113 22.28 -9.39 -9.25
CA ASN C 113 21.30 -8.51 -9.88
C ASN C 113 19.97 -9.25 -10.05
N TRP C 114 18.89 -8.71 -9.53
CA TRP C 114 17.62 -9.45 -9.56
C TRP C 114 17.20 -9.75 -10.99
N PHE C 115 17.39 -8.77 -11.86
CA PHE C 115 16.96 -8.93 -13.25
C PHE C 115 17.79 -10.00 -13.98
N ASP C 116 19.07 -10.12 -13.62
CA ASP C 116 19.91 -11.19 -14.16
C ASP C 116 19.58 -12.55 -13.54
N ILE C 117 19.21 -12.54 -12.27
CA ILE C 117 18.83 -13.76 -11.58
C ILE C 117 17.65 -14.43 -12.29
N THR C 118 16.60 -13.66 -12.53
CA THR C 118 15.39 -14.21 -13.09
C THR C 118 15.64 -14.61 -14.53
N ASN C 119 16.47 -13.85 -15.24
CA ASN C 119 16.77 -14.15 -16.64
C ASN C 119 17.47 -15.50 -16.74
N VAL C 120 18.43 -15.69 -15.86
CA VAL C 120 19.23 -16.91 -15.86
C VAL C 120 18.40 -18.11 -15.45
N LEU C 121 17.60 -17.97 -14.39
CA LEU C 121 16.74 -19.07 -13.96
C LEU C 121 15.79 -19.51 -15.09
N TRP C 122 15.20 -18.56 -15.79
CA TRP C 122 14.31 -18.86 -16.91
C TRP C 122 15.05 -19.55 -18.06
N TRP C 123 16.28 -19.11 -18.32
CA TRP C 123 17.10 -19.73 -19.35
C TRP C 123 17.43 -21.17 -18.97
N ILE C 124 17.67 -21.40 -17.69
CA ILE C 124 18.00 -22.74 -17.24
C ILE C 124 16.80 -23.69 -17.35
N LYS C 125 15.62 -23.22 -16.98
CA LYS C 125 14.43 -24.05 -17.10
C LYS C 125 14.19 -24.48 -18.57
N ALA C 126 14.51 -23.60 -19.51
CA ALA C 126 14.32 -23.90 -20.92
C ALA C 126 15.39 -24.88 -21.40
N VAL C 127 16.62 -24.58 -21.07
CA VAL C 127 17.75 -25.36 -21.51
C VAL C 127 17.67 -26.82 -21.01
N ILE C 128 17.13 -27.03 -19.81
CA ILE C 128 17.15 -28.37 -19.26
C ILE C 128 16.03 -29.24 -19.80
N GLN C 129 15.14 -28.65 -20.58
CA GLN C 129 14.09 -29.42 -21.23
C GLN C 129 14.45 -29.70 -22.70
N ASP C 130 15.54 -29.09 -23.16
CA ASP C 130 16.17 -29.43 -24.44
C ASP C 130 17.04 -30.66 -24.24
N GLU C 131 16.49 -31.83 -24.54
CA GLU C 131 17.16 -33.10 -24.23
C GLU C 131 18.42 -33.34 -25.09
N ASP C 132 18.38 -32.89 -26.34
CA ASP C 132 19.54 -33.00 -27.23
C ASP C 132 20.70 -32.22 -26.63
N PHE C 133 20.43 -30.96 -26.32
CA PHE C 133 21.41 -30.11 -25.67
C PHE C 133 21.93 -30.68 -24.34
N MET C 134 21.07 -31.26 -23.52
CA MET C 134 21.54 -31.76 -22.23
C MET C 134 22.46 -32.98 -22.40
N GLN C 135 22.17 -33.81 -23.40
CA GLN C 135 23.04 -34.94 -23.71
C GLN C 135 24.36 -34.45 -24.29
N GLN C 136 24.29 -33.49 -25.22
CA GLN C 136 25.51 -32.89 -25.79
C GLN C 136 26.50 -32.46 -24.70
N LEU C 137 25.99 -31.88 -23.62
CA LEU C 137 26.84 -31.43 -22.53
C LEU C 137 27.68 -32.55 -21.92
N LEU C 138 27.21 -33.78 -22.05
CA LEU C 138 27.95 -34.92 -21.51
C LEU C 138 29.03 -35.43 -22.47
N VAL C 139 29.02 -34.96 -23.72
CA VAL C 139 29.99 -35.47 -24.68
C VAL C 139 30.99 -34.41 -25.15
N MET C 140 30.57 -33.15 -25.14
CA MET C 140 31.42 -32.05 -25.59
C MET C 140 32.59 -31.82 -24.64
N ASN C 141 33.69 -31.26 -25.15
CA ASN C 141 34.76 -30.83 -24.27
C ASN C 141 34.45 -29.45 -23.69
N ASP C 142 35.40 -28.89 -22.95
CA ASP C 142 35.17 -27.62 -22.25
C ASP C 142 34.96 -26.44 -23.19
N ASP C 143 35.65 -26.42 -24.32
CA ASP C 143 35.52 -25.32 -25.26
C ASP C 143 34.14 -25.33 -25.89
N GLU C 144 33.70 -26.50 -26.34
CA GLU C 144 32.39 -26.62 -26.99
C GLU C 144 31.28 -26.27 -26.01
N ILE C 145 31.47 -26.61 -24.74
CA ILE C 145 30.45 -26.29 -23.73
C ILE C 145 30.38 -24.79 -23.51
N TYR C 146 31.56 -24.18 -23.36
CA TYR C 146 31.65 -22.75 -23.19
C TYR C 146 31.04 -22.02 -24.38
N GLN C 147 31.45 -22.40 -25.59
CA GLN C 147 30.93 -21.74 -26.76
C GLN C 147 29.42 -21.95 -26.86
N SER C 148 28.97 -23.17 -26.64
CA SER C 148 27.54 -23.45 -26.74
C SER C 148 26.72 -22.62 -25.75
N ILE C 149 27.11 -22.63 -24.48
CA ILE C 149 26.39 -21.88 -23.45
C ILE C 149 26.50 -20.38 -23.69
N TYR C 150 27.67 -19.93 -24.10
CA TYR C 150 27.92 -18.52 -24.36
C TYR C 150 26.93 -17.97 -25.37
N THR C 151 26.72 -18.72 -26.45
CA THR C 151 25.80 -18.33 -27.51
C THR C 151 24.38 -18.18 -26.97
N ARG C 152 23.93 -19.16 -26.21
CA ARG C 152 22.55 -19.18 -25.72
C ARG C 152 22.30 -18.14 -24.61
N ILE C 153 23.34 -17.81 -23.84
CA ILE C 153 23.22 -16.85 -22.75
C ILE C 153 23.32 -15.39 -23.22
N SER C 154 24.18 -15.15 -24.20
CA SER C 154 24.50 -13.80 -24.68
C SER C 154 23.31 -12.87 -24.91
N GLU C 155 22.11 -13.45 -25.00
CA GLU C 155 20.87 -12.69 -25.21
C GLU C 155 20.75 -11.48 -24.27
N LEU C 156 21.09 -11.69 -23.00
CA LEU C 156 21.12 -10.62 -22.02
C LEU C 156 21.84 -11.05 -20.74
C31 44G D . 1.56 -21.28 -17.03
O31 44G D . 2.57 -21.39 -17.70
O2 44G D . 0.43 -20.64 -17.56
C2 44G D . 0.48 -19.24 -17.52
C1 44G D . 1.42 -18.78 -16.43
O3P 44G D . 0.81 -17.69 -15.78
P 44G D . 1.17 -17.38 -14.27
O1P 44G D . 2.62 -17.64 -14.06
O2P 44G D . 1.07 -15.95 -13.97
O4P 44G D . 0.27 -18.24 -13.28
C4 44G D . -0.97 -18.76 -13.70
C5 44G D . -0.90 -20.26 -13.92
O5 44G D . -1.82 -20.93 -13.10
C6 44G D . 0.49 -20.81 -13.63
O6 44G D . 0.39 -22.13 -13.14
C10 44G D . -0.89 -18.64 -17.23
O1 44G D . -1.46 -17.94 -18.32
C12 44G D . -1.64 -18.69 -19.51
O3 44G D . -2.52 -18.38 -20.29
C3 PGE E . -3.68 -7.87 9.73
C4 PGE E . -4.86 -7.50 8.90
O4 PGE E . -9.00 -8.28 8.10
C6 PGE E . -7.71 -8.72 8.39
C5 PGE E . -6.59 -8.36 7.46
O3 PGE E . -5.29 -8.41 7.93
C2 PGE F . 25.42 -16.90 -4.98
O2 PGE F . 24.12 -16.93 -5.40
C3 PGE F . 23.57 -15.81 -5.97
C4 PGE F . 22.60 -16.03 -7.06
O4 PGE F . 18.26 -17.63 -6.97
C6 PGE F . 19.53 -17.54 -7.50
C5 PGE F . 20.63 -17.25 -6.54
O3 PGE F . 21.27 -16.04 -6.70
#